data_6Y05
#
_entry.id   6Y05
#
_cell.length_a   72.926
_cell.length_b   75.122
_cell.length_c   80.792
_cell.angle_alpha   90.000
_cell.angle_beta   90.000
_cell.angle_gamma   90.000
#
_symmetry.space_group_name_H-M   'P 21 21 21'
#
loop_
_entity.id
_entity.type
_entity.pdbx_description
1 polymer 'cAMP-dependent protein kinase catalytic subunit alpha'
2 polymer 'cAMP-dependent protein kinase inhibitor alpha'
3 non-polymer ADENINE
4 non-polymer (4R)-2-METHYLPENTANE-2,4-DIOL
5 non-polymer (4S)-2-METHYL-2,4-PENTANEDIOL
6 water water
#
loop_
_entity_poly.entity_id
_entity_poly.type
_entity_poly.pdbx_seq_one_letter_code
_entity_poly.pdbx_strand_id
1 'polypeptide(L)'
;GHMGNAAAAKKGSEQESVKEFLAKAKEEFLKKWESPSQNTAQLDHFDRIKTLGTGSFGRVMLVKHKETGNHYAMKILDKQ
KVVKLKQIEHTLNEKRILQAVNFPFLVKLEFSFKDNSNLYMVMEYVPGGEMFSHLRRIGRFSEPHARFYAAQIVLTFEYL
HSLDLIYRDLKPENLLIDQQGYIQVTDFGFAKRVKGRTW(TPO)LCGTPEYLAPEIILSKGYNKAVDWWALGVLIYEMAA
GYPPFFADQPIQIYEKIVSGKVRFPSHFSSDLKDLLRNLLQVDLTKRFGNLKNGVNDIKNHKWFATTDWIAIYQRKVEAP
FIPKFKGPGDTSNFDDYEEEEIRV(SEP)INEKCGKEFTEF
;
A
2 'polypeptide(L)' TTYADFIASGRTGRRNAIHD B
#
loop_
_chem_comp.id
_chem_comp.type
_chem_comp.name
_chem_comp.formula
ADE non-polymer ADENINE 'C5 H5 N5'
MPD non-polymer (4S)-2-METHYL-2,4-PENTANEDIOL 'C6 H14 O2'
MRD non-polymer (4R)-2-METHYLPENTANE-2,4-DIOL 'C6 H14 O2'
#
# COMPACT_ATOMS: atom_id res chain seq x y z
N LYS A 10 9.99 1.39 27.46
CA LYS A 10 9.11 1.92 28.50
C LYS A 10 7.64 1.68 28.15
N LYS A 11 6.88 1.15 29.11
CA LYS A 11 5.44 0.92 28.97
C LYS A 11 4.72 1.78 29.99
N GLY A 12 4.31 2.99 29.57
CA GLY A 12 3.60 3.92 30.40
C GLY A 12 2.17 4.15 29.94
N SER A 13 1.59 5.27 30.41
CA SER A 13 0.19 5.57 30.12
C SER A 13 -0.07 5.64 28.62
N GLU A 14 0.85 6.27 27.86
CA GLU A 14 0.65 6.40 26.42
C GLU A 14 0.58 5.04 25.75
N GLN A 15 1.44 4.10 26.17
CA GLN A 15 1.43 2.75 25.59
C GLN A 15 0.15 2.00 25.95
N GLU A 16 -0.38 2.19 27.17
CA GLU A 16 -1.61 1.49 27.52
C GLU A 16 -2.80 2.02 26.72
N SER A 17 -2.79 3.32 26.38
CA SER A 17 -3.86 3.85 25.53
C SER A 17 -3.82 3.25 24.13
N VAL A 18 -2.61 3.13 23.56
CA VAL A 18 -2.47 2.43 22.27
C VAL A 18 -3.03 1.02 22.36
N LYS A 19 -2.67 0.31 23.44
CA LYS A 19 -3.11 -1.07 23.62
C LYS A 19 -4.64 -1.17 23.66
N GLU A 20 -5.27 -0.29 24.42
CA GLU A 20 -6.73 -0.35 24.53
C GLU A 20 -7.40 0.03 23.21
N PHE A 21 -6.83 1.00 22.49
CA PHE A 21 -7.35 1.35 21.17
C PHE A 21 -7.30 0.16 20.21
N LEU A 22 -6.18 -0.56 20.21
CA LEU A 22 -6.04 -1.68 19.28
C LEU A 22 -6.95 -2.84 19.68
N ALA A 23 -7.21 -3.02 20.98
CA ALA A 23 -8.10 -4.09 21.39
C ALA A 23 -9.51 -3.86 20.86
N LYS A 24 -10.01 -2.62 20.94
CA LYS A 24 -11.34 -2.33 20.40
C LYS A 24 -11.35 -2.44 18.88
N ALA A 25 -10.25 -2.02 18.24
CA ALA A 25 -10.17 -2.12 16.78
C ALA A 25 -10.24 -3.58 16.34
N LYS A 26 -9.64 -4.49 17.11
CA LYS A 26 -9.65 -5.90 16.75
C LYS A 26 -11.05 -6.50 16.91
N GLU A 27 -11.78 -6.07 17.96
CA GLU A 27 -13.15 -6.56 18.11
C GLU A 27 -14.00 -6.21 16.89
N GLU A 28 -13.85 -4.98 16.37
CA GLU A 28 -14.65 -4.55 15.23
C GLU A 28 -14.22 -5.24 13.95
N PHE A 29 -12.90 -5.39 13.76
CA PHE A 29 -12.38 -6.09 12.58
C PHE A 29 -12.87 -7.53 12.52
N LEU A 30 -12.82 -8.26 13.63
CA LEU A 30 -13.15 -9.68 13.57
C LEU A 30 -14.63 -9.91 13.24
N LYS A 31 -15.51 -9.01 13.67
CA LYS A 31 -16.92 -9.15 13.33
C LYS A 31 -17.11 -9.15 11.82
N LYS A 32 -16.40 -8.24 11.12
CA LYS A 32 -16.53 -8.16 9.67
C LYS A 32 -15.71 -9.24 8.97
N TRP A 33 -14.58 -9.64 9.56
CA TRP A 33 -13.76 -10.71 9.01
C TRP A 33 -14.55 -12.01 8.96
N GLU A 34 -15.32 -12.29 10.03
CA GLU A 34 -16.06 -13.53 10.10
C GLU A 34 -17.36 -13.50 9.29
N SER A 35 -17.93 -12.31 9.07
N SER A 35 -17.92 -12.31 9.04
CA SER A 35 -19.16 -12.15 8.31
CA SER A 35 -19.18 -12.18 8.29
C SER A 35 -18.95 -11.06 7.26
C SER A 35 -19.05 -11.10 7.22
N PRO A 36 -18.30 -11.39 6.15
CA PRO A 36 -17.99 -10.36 5.15
C PRO A 36 -19.20 -9.89 4.35
N SER A 37 -19.16 -8.61 3.95
CA SER A 37 -20.18 -8.07 3.06
C SER A 37 -19.96 -8.60 1.64
N GLN A 38 -21.06 -8.69 0.89
N GLN A 38 -21.08 -8.77 0.94
CA GLN A 38 -21.05 -9.37 -0.40
CA GLN A 38 -21.06 -9.30 -0.41
C GLN A 38 -22.19 -8.85 -1.27
C GLN A 38 -22.15 -8.63 -1.23
N ASN A 39 -21.90 -8.54 -2.54
CA ASN A 39 -22.92 -8.19 -3.54
C ASN A 39 -23.71 -6.93 -3.14
N THR A 40 -22.99 -5.83 -2.94
CA THR A 40 -23.61 -4.63 -2.39
C THR A 40 -23.89 -3.56 -3.45
N ALA A 41 -23.57 -3.81 -4.71
CA ALA A 41 -24.02 -2.95 -5.81
C ALA A 41 -24.00 -3.78 -7.10
N GLN A 42 -24.22 -3.10 -8.23
CA GLN A 42 -24.12 -3.75 -9.54
C GLN A 42 -23.55 -2.76 -10.55
N LEU A 43 -23.09 -3.29 -11.68
CA LEU A 43 -22.31 -2.49 -12.62
C LEU A 43 -23.08 -1.28 -13.15
N ASP A 44 -24.38 -1.46 -13.45
CA ASP A 44 -25.10 -0.34 -14.06
C ASP A 44 -25.55 0.70 -13.02
N HIS A 45 -25.11 0.59 -11.77
CA HIS A 45 -25.25 1.68 -10.82
C HIS A 45 -24.23 2.80 -11.05
N PHE A 46 -23.27 2.59 -11.95
CA PHE A 46 -22.15 3.52 -12.10
C PHE A 46 -21.94 3.88 -13.56
N ASP A 47 -21.58 5.15 -13.80
CA ASP A 47 -21.05 5.57 -15.09
C ASP A 47 -19.54 5.52 -15.04
N ARG A 48 -18.92 4.90 -16.03
CA ARG A 48 -17.47 4.80 -16.09
C ARG A 48 -16.90 6.01 -16.82
N ILE A 49 -15.88 6.63 -16.24
N ILE A 49 -15.87 6.61 -16.24
CA ILE A 49 -15.34 7.90 -16.73
CA ILE A 49 -15.36 7.91 -16.68
C ILE A 49 -13.97 7.71 -17.36
C ILE A 49 -13.96 7.78 -17.31
N LYS A 50 -12.99 7.23 -16.59
CA LYS A 50 -11.60 7.27 -17.02
C LYS A 50 -10.74 6.30 -16.22
N THR A 51 -9.71 5.73 -16.88
CA THR A 51 -8.80 4.82 -16.21
C THR A 51 -7.77 5.60 -15.39
N LEU A 52 -7.64 5.24 -14.10
CA LEU A 52 -6.68 5.87 -13.18
C LEU A 52 -5.37 5.10 -13.03
N GLY A 53 -5.33 3.83 -13.42
CA GLY A 53 -4.13 3.01 -13.30
C GLY A 53 -4.45 1.60 -13.78
N THR A 54 -3.38 0.84 -14.02
CA THR A 54 -3.54 -0.54 -14.48
C THR A 54 -2.64 -1.49 -13.68
N GLY A 55 -2.95 -2.78 -13.81
CA GLY A 55 -2.21 -3.86 -13.17
C GLY A 55 -2.33 -5.15 -13.97
N SER A 56 -1.91 -6.28 -13.39
CA SER A 56 -1.88 -7.52 -14.16
C SER A 56 -3.26 -8.11 -14.43
N PHE A 57 -4.26 -7.80 -13.61
CA PHE A 57 -5.57 -8.42 -13.74
C PHE A 57 -6.62 -7.50 -14.34
N GLY A 58 -6.32 -6.21 -14.49
CA GLY A 58 -7.30 -5.24 -14.96
C GLY A 58 -6.86 -3.81 -14.73
N ARG A 59 -7.78 -2.97 -14.27
N ARG A 59 -7.74 -3.00 -14.17
CA ARG A 59 -7.56 -1.53 -14.23
CA ARG A 59 -7.45 -1.59 -14.04
C ARG A 59 -8.42 -0.91 -13.13
C ARG A 59 -8.09 -1.07 -12.77
N VAL A 60 -7.97 0.24 -12.60
CA VAL A 60 -8.75 1.01 -11.63
C VAL A 60 -9.34 2.17 -12.41
N MET A 61 -10.66 2.34 -12.32
CA MET A 61 -11.37 3.37 -13.09
C MET A 61 -12.06 4.36 -12.18
N LEU A 62 -12.01 5.64 -12.57
CA LEU A 62 -12.90 6.63 -11.99
C LEU A 62 -14.32 6.38 -12.49
N VAL A 63 -15.28 6.28 -11.56
CA VAL A 63 -16.69 6.07 -11.89
C VAL A 63 -17.54 7.07 -11.12
N LYS A 64 -18.77 7.28 -11.60
CA LYS A 64 -19.75 8.12 -10.93
C LYS A 64 -20.95 7.27 -10.55
N HIS A 65 -21.30 7.26 -9.25
CA HIS A 65 -22.48 6.56 -8.75
C HIS A 65 -23.74 7.34 -9.13
N LYS A 66 -24.63 6.71 -9.91
CA LYS A 66 -25.76 7.45 -10.48
C LYS A 66 -26.70 7.97 -9.39
N GLU A 67 -27.02 7.15 -8.39
CA GLU A 67 -28.08 7.52 -7.46
C GLU A 67 -27.66 8.65 -6.52
N THR A 68 -26.36 8.80 -6.26
CA THR A 68 -25.85 9.85 -5.37
C THR A 68 -25.04 10.92 -6.07
N GLY A 69 -24.53 10.65 -7.27
CA GLY A 69 -23.60 11.57 -7.89
C GLY A 69 -22.20 11.53 -7.29
N ASN A 70 -21.92 10.60 -6.38
CA ASN A 70 -20.58 10.51 -5.81
C ASN A 70 -19.61 9.88 -6.81
N HIS A 71 -18.35 10.32 -6.76
CA HIS A 71 -17.30 9.68 -7.53
C HIS A 71 -16.58 8.64 -6.68
N TYR A 72 -16.16 7.55 -7.32
CA TYR A 72 -15.46 6.44 -6.68
C TYR A 72 -14.38 5.93 -7.62
N ALA A 73 -13.46 5.12 -7.08
CA ALA A 73 -12.47 4.38 -7.86
C ALA A 73 -12.85 2.91 -7.84
N MET A 74 -13.06 2.34 -9.02
CA MET A 74 -13.54 0.97 -9.19
CA MET A 74 -13.52 0.96 -9.16
C MET A 74 -12.40 0.10 -9.74
N LYS A 75 -11.91 -0.85 -8.93
CA LYS A 75 -10.90 -1.79 -9.40
C LYS A 75 -11.60 -2.97 -10.06
N ILE A 76 -11.18 -3.31 -11.27
CA ILE A 76 -11.81 -4.35 -12.07
C ILE A 76 -10.79 -5.45 -12.30
N LEU A 77 -11.12 -6.68 -11.89
CA LEU A 77 -10.26 -7.83 -12.10
C LEU A 77 -10.96 -8.84 -13.01
N ASP A 78 -10.27 -9.28 -14.05
CA ASP A 78 -10.75 -10.32 -14.95
C ASP A 78 -10.53 -11.69 -14.30
N LYS A 79 -11.61 -12.44 -14.05
CA LYS A 79 -11.48 -13.68 -13.28
C LYS A 79 -10.56 -14.68 -13.98
N GLN A 80 -10.64 -14.77 -15.30
CA GLN A 80 -9.81 -15.73 -16.03
C GLN A 80 -8.33 -15.35 -15.93
N LYS A 81 -8.02 -14.04 -15.92
CA LYS A 81 -6.63 -13.64 -15.78
C LYS A 81 -6.12 -13.90 -14.36
N VAL A 82 -6.99 -13.72 -13.35
CA VAL A 82 -6.62 -14.03 -11.98
C VAL A 82 -6.24 -15.51 -11.84
N VAL A 83 -7.04 -16.39 -12.44
CA VAL A 83 -6.75 -17.81 -12.40
C VAL A 83 -5.42 -18.13 -13.07
N LYS A 84 -5.17 -17.56 -14.26
CA LYS A 84 -3.94 -17.86 -14.98
C LYS A 84 -2.71 -17.43 -14.20
N LEU A 85 -2.81 -16.34 -13.44
CA LEU A 85 -1.69 -15.85 -12.64
C LEU A 85 -1.63 -16.50 -11.25
N LYS A 86 -2.50 -17.48 -11.01
CA LYS A 86 -2.55 -18.22 -9.74
C LYS A 86 -2.77 -17.27 -8.55
N GLN A 87 -3.65 -16.28 -8.74
CA GLN A 87 -3.93 -15.27 -7.73
C GLN A 87 -5.33 -15.40 -7.11
N ILE A 88 -5.95 -16.58 -7.19
CA ILE A 88 -7.30 -16.73 -6.66
C ILE A 88 -7.33 -16.40 -5.17
N GLU A 89 -6.54 -17.14 -4.38
CA GLU A 89 -6.61 -16.96 -2.93
C GLU A 89 -6.17 -15.55 -2.53
N HIS A 90 -5.16 -14.99 -3.21
CA HIS A 90 -4.73 -13.62 -2.93
C HIS A 90 -5.86 -12.62 -3.19
N THR A 91 -6.67 -12.85 -4.24
CA THR A 91 -7.77 -11.93 -4.54
C THR A 91 -8.88 -12.07 -3.51
N LEU A 92 -9.15 -13.30 -3.03
CA LEU A 92 -10.11 -13.45 -1.94
C LEU A 92 -9.59 -12.81 -0.65
N ASN A 93 -8.28 -12.93 -0.36
CA ASN A 93 -7.67 -12.20 0.75
C ASN A 93 -7.92 -10.70 0.62
N GLU A 94 -7.59 -10.15 -0.55
CA GLU A 94 -7.69 -8.71 -0.78
C GLU A 94 -9.06 -8.17 -0.41
N LYS A 95 -10.13 -8.77 -0.96
CA LYS A 95 -11.46 -8.23 -0.71
C LYS A 95 -11.93 -8.52 0.71
N ARG A 96 -11.63 -9.71 1.26
CA ARG A 96 -12.10 -10.03 2.62
C ARG A 96 -11.44 -9.11 3.66
N ILE A 97 -10.15 -8.78 3.44
CA ILE A 97 -9.44 -7.88 4.35
C ILE A 97 -9.94 -6.44 4.18
N LEU A 98 -10.03 -5.97 2.93
N LEU A 98 -10.01 -5.96 2.93
CA LEU A 98 -10.37 -4.57 2.71
CA LEU A 98 -10.37 -4.55 2.73
C LEU A 98 -11.78 -4.24 3.21
C LEU A 98 -11.78 -4.24 3.23
N GLN A 99 -12.72 -5.18 3.12
CA GLN A 99 -14.07 -4.90 3.62
C GLN A 99 -14.12 -4.92 5.15
N ALA A 100 -13.09 -5.41 5.83
CA ALA A 100 -13.15 -5.53 7.28
C ALA A 100 -12.34 -4.47 8.04
N VAL A 101 -11.42 -3.78 7.37
CA VAL A 101 -10.51 -2.85 8.06
C VAL A 101 -11.14 -1.47 8.13
N ASN A 102 -10.57 -0.63 9.02
CA ASN A 102 -11.10 0.72 9.29
C ASN A 102 -9.99 1.52 9.97
N PHE A 103 -9.33 2.41 9.22
CA PHE A 103 -8.23 3.20 9.75
C PHE A 103 -8.07 4.44 8.87
N PRO A 104 -7.64 5.59 9.42
CA PRO A 104 -7.68 6.84 8.63
C PRO A 104 -6.85 6.79 7.37
N PHE A 105 -5.79 5.98 7.32
CA PHE A 105 -4.89 5.97 6.16
C PHE A 105 -5.05 4.73 5.29
N LEU A 106 -6.15 4.00 5.45
CA LEU A 106 -6.52 2.89 4.58
C LEU A 106 -7.71 3.31 3.73
N VAL A 107 -7.62 3.13 2.41
CA VAL A 107 -8.73 3.52 1.55
C VAL A 107 -9.97 2.69 1.91
N LYS A 108 -11.14 3.34 1.85
N LYS A 108 -11.14 3.32 1.84
CA LYS A 108 -12.40 2.71 2.24
CA LYS A 108 -12.38 2.69 2.28
C LYS A 108 -13.02 1.97 1.07
C LYS A 108 -13.10 2.01 1.12
N LEU A 109 -13.43 0.73 1.30
CA LEU A 109 -14.22 -0.02 0.32
C LEU A 109 -15.69 0.30 0.53
N GLU A 110 -16.36 0.83 -0.49
CA GLU A 110 -17.78 1.21 -0.40
C GLU A 110 -18.71 0.12 -0.91
N PHE A 111 -18.34 -0.59 -1.97
CA PHE A 111 -19.17 -1.64 -2.55
C PHE A 111 -18.28 -2.71 -3.16
N SER A 112 -18.85 -3.91 -3.33
CA SER A 112 -18.16 -4.94 -4.11
C SER A 112 -19.22 -5.84 -4.72
N PHE A 113 -18.89 -6.42 -5.88
CA PHE A 113 -19.81 -7.32 -6.58
C PHE A 113 -19.01 -8.01 -7.69
N LYS A 114 -19.67 -8.93 -8.39
CA LYS A 114 -19.03 -9.65 -9.48
C LYS A 114 -20.08 -9.96 -10.54
N ASP A 115 -19.64 -10.24 -11.75
CA ASP A 115 -20.55 -10.68 -12.82
C ASP A 115 -19.93 -11.89 -13.51
N ASN A 116 -20.41 -12.22 -14.73
CA ASN A 116 -19.93 -13.43 -15.40
C ASN A 116 -18.42 -13.39 -15.63
N SER A 117 -17.86 -12.21 -15.84
CA SER A 117 -16.47 -12.09 -16.29
C SER A 117 -15.53 -11.51 -15.25
N ASN A 118 -15.99 -10.54 -14.44
CA ASN A 118 -15.08 -9.73 -13.63
C ASN A 118 -15.49 -9.69 -12.16
N LEU A 119 -14.53 -9.29 -11.34
CA LEU A 119 -14.72 -8.88 -9.95
C LEU A 119 -14.55 -7.37 -9.84
N TYR A 120 -15.32 -6.74 -8.94
CA TYR A 120 -15.33 -5.28 -8.82
C TYR A 120 -15.20 -4.88 -7.35
N MET A 121 -14.26 -3.98 -7.05
CA MET A 121 -14.15 -3.35 -5.74
C MET A 121 -14.27 -1.84 -5.93
N VAL A 122 -15.30 -1.23 -5.33
CA VAL A 122 -15.56 0.20 -5.48
C VAL A 122 -15.14 0.92 -4.21
N MET A 123 -14.14 1.79 -4.31
CA MET A 123 -13.48 2.44 -3.19
C MET A 123 -13.66 3.96 -3.27
N GLU A 124 -13.42 4.62 -2.13
CA GLU A 124 -13.34 6.08 -2.13
C GLU A 124 -12.34 6.54 -3.19
N TYR A 125 -12.70 7.58 -3.94
CA TYR A 125 -11.80 8.18 -4.93
C TYR A 125 -10.87 9.14 -4.20
N VAL A 126 -9.56 8.91 -4.36
CA VAL A 126 -8.53 9.73 -3.73
C VAL A 126 -7.93 10.59 -4.84
N PRO A 127 -8.26 11.87 -4.91
CA PRO A 127 -8.05 12.65 -6.14
C PRO A 127 -6.64 13.21 -6.30
N GLY A 128 -5.80 13.15 -5.28
CA GLY A 128 -4.51 13.82 -5.35
C GLY A 128 -3.43 13.10 -6.13
N GLY A 129 -3.70 11.88 -6.61
CA GLY A 129 -2.71 11.12 -7.36
C GLY A 129 -1.80 10.27 -6.48
N GLU A 130 -0.98 9.45 -7.15
CA GLU A 130 -0.04 8.57 -6.45
C GLU A 130 1.14 9.36 -5.93
N MET A 131 1.62 9.00 -4.73
CA MET A 131 2.86 9.59 -4.24
C MET A 131 3.98 9.44 -5.29
N PHE A 132 4.01 8.29 -5.96
CA PHE A 132 4.96 8.03 -7.04
C PHE A 132 5.09 9.21 -8.01
N SER A 133 3.96 9.71 -8.51
CA SER A 133 3.97 10.78 -9.51
C SER A 133 4.64 12.03 -8.96
N HIS A 134 4.25 12.43 -7.74
CA HIS A 134 4.81 13.64 -7.14
C HIS A 134 6.29 13.47 -6.82
N LEU A 135 6.67 12.29 -6.32
CA LEU A 135 8.06 12.04 -5.94
C LEU A 135 8.98 12.08 -7.16
N ARG A 136 8.56 11.43 -8.26
CA ARG A 136 9.39 11.45 -9.46
C ARG A 136 9.52 12.85 -10.02
N ARG A 137 8.43 13.63 -10.02
CA ARG A 137 8.46 14.97 -10.60
C ARG A 137 9.36 15.91 -9.81
N ILE A 138 9.22 15.91 -8.48
CA ILE A 138 9.99 16.86 -7.65
C ILE A 138 11.41 16.36 -7.40
N GLY A 139 11.67 15.08 -7.64
CA GLY A 139 13.00 14.51 -7.41
C GLY A 139 13.09 13.77 -6.10
N ARG A 140 13.05 14.50 -4.98
CA ARG A 140 13.07 13.92 -3.65
C ARG A 140 12.30 14.83 -2.71
N PHE A 141 11.84 14.25 -1.59
CA PHE A 141 11.19 15.02 -0.53
C PHE A 141 12.21 15.44 0.51
N SER A 142 11.98 16.59 1.14
CA SER A 142 12.76 16.96 2.31
C SER A 142 12.55 15.96 3.43
N GLU A 143 13.47 15.91 4.39
CA GLU A 143 13.29 14.98 5.51
C GLU A 143 12.03 15.26 6.31
N PRO A 144 11.64 16.51 6.61
CA PRO A 144 10.35 16.70 7.30
C PRO A 144 9.16 16.22 6.49
N HIS A 145 9.20 16.44 5.17
N HIS A 145 9.20 16.37 5.17
CA HIS A 145 8.18 15.93 4.26
CA HIS A 145 8.08 15.89 4.35
C HIS A 145 8.10 14.41 4.33
C HIS A 145 8.08 14.37 4.27
N ALA A 146 9.25 13.75 4.16
CA ALA A 146 9.29 12.29 4.18
C ALA A 146 8.86 11.74 5.53
N ARG A 147 9.21 12.45 6.61
CA ARG A 147 8.83 12.02 7.96
C ARG A 147 7.32 12.07 8.15
N PHE A 148 6.67 13.12 7.62
CA PHE A 148 5.21 13.22 7.70
C PHE A 148 4.53 12.00 7.08
N TYR A 149 4.94 11.62 5.86
CA TYR A 149 4.38 10.43 5.24
C TYR A 149 4.78 9.16 5.98
N ALA A 150 6.05 9.06 6.41
CA ALA A 150 6.51 7.83 7.04
C ALA A 150 5.74 7.55 8.34
N ALA A 151 5.43 8.60 9.09
CA ALA A 151 4.69 8.42 10.35
C ALA A 151 3.33 7.78 10.10
N GLN A 152 2.67 8.15 9.00
CA GLN A 152 1.38 7.55 8.66
C GLN A 152 1.52 6.06 8.38
N ILE A 153 2.60 5.67 7.68
CA ILE A 153 2.81 4.26 7.39
C ILE A 153 3.12 3.50 8.67
N VAL A 154 3.91 4.09 9.58
CA VAL A 154 4.19 3.43 10.84
C VAL A 154 2.90 3.11 11.59
N LEU A 155 2.00 4.07 11.71
CA LEU A 155 0.74 3.84 12.42
C LEU A 155 -0.12 2.82 11.68
N THR A 156 -0.16 2.89 10.35
CA THR A 156 -0.96 1.94 9.59
C THR A 156 -0.43 0.51 9.76
N PHE A 157 0.89 0.33 9.77
CA PHE A 157 1.41 -1.02 10.01
C PHE A 157 1.16 -1.46 11.46
N GLU A 158 1.24 -0.53 12.42
CA GLU A 158 0.91 -0.90 13.80
C GLU A 158 -0.52 -1.44 13.87
N TYR A 159 -1.44 -0.76 13.17
CA TYR A 159 -2.83 -1.22 13.12
C TYR A 159 -2.94 -2.58 12.42
N LEU A 160 -2.43 -2.68 11.18
CA LEU A 160 -2.58 -3.92 10.43
C LEU A 160 -1.96 -5.11 11.16
N HIS A 161 -0.72 -4.94 11.64
CA HIS A 161 0.00 -6.06 12.29
C HIS A 161 -0.70 -6.52 13.55
N SER A 162 -1.38 -5.62 14.26
CA SER A 162 -2.10 -6.03 15.47
C SER A 162 -3.28 -6.95 15.15
N LEU A 163 -3.80 -6.88 13.91
CA LEU A 163 -4.86 -7.75 13.43
C LEU A 163 -4.31 -9.00 12.77
N ASP A 164 -3.01 -9.28 12.93
CA ASP A 164 -2.33 -10.41 12.30
C ASP A 164 -2.29 -10.29 10.78
N LEU A 165 -2.30 -9.06 10.26
CA LEU A 165 -2.25 -8.81 8.82
C LEU A 165 -0.85 -8.39 8.42
N ILE A 166 -0.37 -8.89 7.29
CA ILE A 166 0.86 -8.44 6.67
C ILE A 166 0.47 -7.81 5.34
N TYR A 167 1.11 -6.69 4.98
CA TYR A 167 0.69 -5.94 3.80
C TYR A 167 1.41 -6.37 2.51
N ARG A 168 2.74 -6.38 2.53
CA ARG A 168 3.60 -7.02 1.53
C ARG A 168 3.65 -6.33 0.15
N ASP A 169 3.19 -5.09 0.01
CA ASP A 169 3.44 -4.40 -1.26
C ASP A 169 3.58 -2.90 -1.08
N LEU A 170 4.31 -2.47 -0.05
CA LEU A 170 4.53 -1.05 0.16
C LEU A 170 5.42 -0.48 -0.95
N LYS A 171 4.97 0.62 -1.55
CA LYS A 171 5.70 1.35 -2.58
C LYS A 171 4.92 2.64 -2.90
N PRO A 172 5.60 3.67 -3.41
CA PRO A 172 4.90 4.95 -3.66
C PRO A 172 3.77 4.83 -4.66
N GLU A 173 3.84 3.84 -5.58
CA GLU A 173 2.77 3.62 -6.55
C GLU A 173 1.44 3.31 -5.87
N ASN A 174 1.48 2.75 -4.66
CA ASN A 174 0.29 2.32 -3.95
C ASN A 174 -0.20 3.32 -2.91
N LEU A 175 0.46 4.48 -2.76
CA LEU A 175 0.13 5.42 -1.72
C LEU A 175 -0.50 6.65 -2.38
N LEU A 176 -1.79 6.87 -2.16
CA LEU A 176 -2.53 7.95 -2.80
C LEU A 176 -2.60 9.14 -1.84
N ILE A 177 -2.56 10.36 -2.39
CA ILE A 177 -2.59 11.56 -1.57
C ILE A 177 -4.00 12.14 -1.63
N ASP A 178 -4.64 12.34 -0.47
CA ASP A 178 -6.01 12.82 -0.49
C ASP A 178 -6.04 14.34 -0.49
N GLN A 179 -7.26 14.91 -0.42
CA GLN A 179 -7.42 16.35 -0.55
C GLN A 179 -6.87 17.13 0.64
N GLN A 180 -6.64 16.48 1.78
CA GLN A 180 -5.99 17.11 2.92
C GLN A 180 -4.47 16.92 2.91
N GLY A 181 -3.93 16.24 1.90
CA GLY A 181 -2.51 15.97 1.82
C GLY A 181 -2.05 14.74 2.57
N TYR A 182 -2.97 13.94 3.09
CA TYR A 182 -2.62 12.74 3.82
C TYR A 182 -2.68 11.50 2.92
N ILE A 183 -2.03 10.41 3.38
CA ILE A 183 -1.88 9.17 2.61
C ILE A 183 -3.13 8.30 2.75
N GLN A 184 -3.52 7.65 1.64
CA GLN A 184 -4.42 6.51 1.67
C GLN A 184 -3.75 5.32 1.00
N VAL A 185 -3.59 4.22 1.75
CA VAL A 185 -3.01 3.01 1.19
C VAL A 185 -4.04 2.28 0.35
N THR A 186 -3.64 1.90 -0.86
N THR A 186 -3.63 1.82 -0.84
CA THR A 186 -4.49 1.12 -1.77
CA THR A 186 -4.50 1.04 -1.70
C THR A 186 -3.76 -0.17 -2.15
C THR A 186 -3.75 -0.17 -2.23
N ASP A 187 -4.45 -1.01 -2.91
N ASP A 187 -4.51 -1.12 -2.78
CA ASP A 187 -3.96 -2.30 -3.38
CA ASP A 187 -4.02 -2.32 -3.45
C ASP A 187 -3.62 -3.22 -2.22
C ASP A 187 -3.56 -3.39 -2.46
N PHE A 188 -4.53 -4.12 -1.89
CA PHE A 188 -4.28 -5.14 -0.87
C PHE A 188 -4.17 -6.54 -1.48
N GLY A 189 -3.70 -6.60 -2.73
CA GLY A 189 -3.63 -7.85 -3.46
C GLY A 189 -2.71 -8.90 -2.84
N PHE A 190 -1.72 -8.48 -2.05
CA PHE A 190 -0.85 -9.42 -1.36
C PHE A 190 -1.07 -9.42 0.15
N ALA A 191 -2.04 -8.68 0.66
CA ALA A 191 -2.28 -8.69 2.09
C ALA A 191 -2.79 -10.05 2.55
N LYS A 192 -2.38 -10.48 3.74
CA LYS A 192 -2.70 -11.82 4.21
CA LYS A 192 -2.72 -11.83 4.21
C LYS A 192 -2.83 -11.81 5.72
N ARG A 193 -3.83 -12.52 6.25
CA ARG A 193 -3.98 -12.69 7.69
C ARG A 193 -3.32 -14.01 8.09
N VAL A 194 -2.29 -13.94 8.92
CA VAL A 194 -1.51 -15.13 9.22
C VAL A 194 -0.88 -14.97 10.60
N LYS A 195 -1.01 -16.01 11.43
CA LYS A 195 -0.30 -16.11 12.70
C LYS A 195 0.89 -17.04 12.47
N GLY A 196 2.08 -16.60 12.87
CA GLY A 196 3.27 -17.35 12.50
C GLY A 196 3.81 -16.92 11.15
N ARG A 197 4.39 -17.86 10.40
CA ARG A 197 5.20 -17.54 9.23
C ARG A 197 4.48 -17.89 7.94
N THR A 198 4.92 -17.28 6.83
CA THR A 198 4.39 -17.60 5.51
C THR A 198 5.56 -17.62 4.52
N TRP A 199 5.29 -18.06 3.29
N TRP A 199 5.30 -18.08 3.30
CA TRP A 199 6.35 -18.46 2.38
CA TRP A 199 6.41 -18.37 2.37
C TRP A 199 6.22 -17.97 0.93
C TRP A 199 6.31 -17.80 0.96
N TPO A 200 5.15 -17.28 0.59
CA TPO A 200 4.93 -16.82 -0.80
CB TPO A 200 3.50 -16.24 -0.96
CG2 TPO A 200 3.30 -15.80 -2.41
OG1 TPO A 200 2.53 -17.26 -0.67
P TPO A 200 1.59 -16.81 0.54
O1P TPO A 200 0.84 -18.15 0.98
O2P TPO A 200 0.62 -15.75 0.10
O3P TPO A 200 2.53 -16.29 1.74
C TPO A 200 5.94 -15.79 -1.31
O TPO A 200 6.22 -14.79 -0.65
N LEU A 201 6.53 -16.07 -2.46
CA LEU A 201 7.40 -15.11 -3.14
C LEU A 201 6.54 -14.07 -3.85
N CYS A 202 6.34 -12.93 -3.20
CA CYS A 202 5.52 -11.87 -3.76
C CYS A 202 6.00 -10.53 -3.23
N GLY A 203 5.59 -9.47 -3.93
CA GLY A 203 5.96 -8.09 -3.64
C GLY A 203 6.43 -7.43 -4.90
N THR A 204 7.25 -6.39 -4.74
CA THR A 204 7.87 -5.65 -5.84
C THR A 204 9.39 -5.66 -5.65
N PRO A 205 10.18 -5.91 -6.72
CA PRO A 205 11.60 -6.29 -6.53
C PRO A 205 12.40 -5.35 -5.63
N GLU A 206 12.32 -4.04 -5.87
CA GLU A 206 13.08 -3.06 -5.09
C GLU A 206 12.75 -3.10 -3.60
N TYR A 207 11.56 -3.59 -3.22
CA TYR A 207 11.08 -3.55 -1.84
C TYR A 207 11.15 -4.89 -1.11
N LEU A 208 11.66 -5.94 -1.74
CA LEU A 208 11.65 -7.27 -1.12
C LEU A 208 12.70 -7.39 -0.02
N ALA A 209 12.30 -7.94 1.13
CA ALA A 209 13.26 -8.25 2.18
C ALA A 209 14.15 -9.44 1.80
N PRO A 210 15.39 -9.49 2.32
CA PRO A 210 16.28 -10.61 1.93
C PRO A 210 15.70 -11.97 2.22
N GLU A 211 14.96 -12.11 3.32
CA GLU A 211 14.42 -13.43 3.64
C GLU A 211 13.37 -13.89 2.63
N ILE A 212 12.72 -12.96 1.93
CA ILE A 212 11.80 -13.37 0.85
C ILE A 212 12.60 -13.90 -0.33
N ILE A 213 13.64 -13.16 -0.74
CA ILE A 213 14.45 -13.53 -1.89
C ILE A 213 15.08 -14.91 -1.68
N LEU A 214 15.50 -15.21 -0.45
CA LEU A 214 16.23 -16.44 -0.13
C LEU A 214 15.31 -17.60 0.22
N SER A 215 14.00 -17.44 0.05
CA SER A 215 13.01 -18.51 0.22
C SER A 215 13.02 -19.09 1.64
N LYS A 216 13.16 -18.21 2.63
CA LYS A 216 12.90 -18.56 4.01
C LYS A 216 11.44 -18.28 4.34
N GLY A 217 10.97 -18.88 5.43
CA GLY A 217 9.75 -18.39 6.03
C GLY A 217 9.94 -16.97 6.51
N TYR A 218 8.87 -16.18 6.49
CA TYR A 218 8.98 -14.79 6.91
C TYR A 218 7.69 -14.36 7.57
N ASN A 219 7.73 -13.18 8.18
CA ASN A 219 6.57 -12.67 8.90
C ASN A 219 6.48 -11.17 8.67
N LYS A 220 5.81 -10.48 9.59
CA LYS A 220 5.52 -9.06 9.42
C LYS A 220 6.78 -8.21 9.38
N ALA A 221 7.95 -8.74 9.78
CA ALA A 221 9.17 -7.96 9.67
C ALA A 221 9.50 -7.55 8.24
N VAL A 222 8.91 -8.22 7.23
CA VAL A 222 9.18 -7.78 5.87
C VAL A 222 8.56 -6.42 5.59
N ASP A 223 7.46 -6.08 6.26
CA ASP A 223 6.85 -4.76 6.08
C ASP A 223 7.77 -3.67 6.65
N TRP A 224 8.46 -3.96 7.76
CA TRP A 224 9.34 -2.94 8.33
C TRP A 224 10.59 -2.75 7.47
N TRP A 225 11.11 -3.82 6.87
CA TRP A 225 12.15 -3.66 5.86
C TRP A 225 11.66 -2.76 4.74
N ALA A 226 10.44 -3.03 4.24
CA ALA A 226 9.91 -2.23 3.13
C ALA A 226 9.73 -0.78 3.53
N LEU A 227 9.37 -0.50 4.79
CA LEU A 227 9.32 0.89 5.26
C LEU A 227 10.70 1.56 5.12
N GLY A 228 11.77 0.83 5.47
CA GLY A 228 13.11 1.38 5.27
C GLY A 228 13.38 1.74 3.82
N VAL A 229 12.98 0.87 2.89
CA VAL A 229 13.14 1.17 1.46
C VAL A 229 12.35 2.41 1.09
N LEU A 230 11.11 2.52 1.58
CA LEU A 230 10.26 3.67 1.22
C LEU A 230 10.85 4.98 1.75
N ILE A 231 11.28 5.00 3.02
CA ILE A 231 11.84 6.22 3.58
C ILE A 231 13.07 6.64 2.79
N TYR A 232 13.95 5.68 2.51
CA TYR A 232 15.14 5.97 1.70
C TYR A 232 14.75 6.56 0.36
N GLU A 233 13.80 5.93 -0.35
CA GLU A 233 13.45 6.42 -1.68
C GLU A 233 12.83 7.80 -1.62
N MET A 234 11.97 8.06 -0.62
CA MET A 234 11.38 9.39 -0.47
C MET A 234 12.45 10.45 -0.26
N ALA A 235 13.44 10.17 0.59
CA ALA A 235 14.42 11.20 0.94
C ALA A 235 15.59 11.30 -0.04
N ALA A 236 15.91 10.22 -0.75
CA ALA A 236 17.00 10.25 -1.73
C ALA A 236 16.52 10.58 -3.14
N GLY A 237 15.31 10.17 -3.51
CA GLY A 237 14.84 10.27 -4.88
C GLY A 237 15.05 9.02 -5.72
N TYR A 238 15.76 8.03 -5.19
CA TYR A 238 15.99 6.74 -5.83
C TYR A 238 16.03 5.69 -4.72
N PRO A 239 15.74 4.43 -5.02
CA PRO A 239 15.72 3.40 -3.97
C PRO A 239 17.12 2.97 -3.58
N PRO A 240 17.27 2.31 -2.43
CA PRO A 240 18.62 1.91 -1.96
C PRO A 240 19.25 0.79 -2.79
N PHE A 241 18.45 -0.02 -3.49
CA PHE A 241 18.94 -1.10 -4.34
C PHE A 241 18.23 -1.00 -5.68
N PHE A 242 18.95 -0.59 -6.73
CA PHE A 242 18.34 -0.51 -8.05
C PHE A 242 19.33 -0.98 -9.12
N ALA A 243 18.77 -1.49 -10.21
CA ALA A 243 19.52 -1.97 -11.36
C ALA A 243 18.54 -2.09 -12.51
N ASP A 244 19.05 -2.49 -13.68
CA ASP A 244 18.15 -2.64 -14.83
C ASP A 244 17.41 -3.97 -14.85
N GLN A 245 17.94 -4.99 -14.17
CA GLN A 245 17.33 -6.31 -14.16
C GLN A 245 17.06 -6.75 -12.72
N PRO A 246 15.90 -7.36 -12.45
CA PRO A 246 15.58 -7.79 -11.07
C PRO A 246 16.66 -8.64 -10.40
N ILE A 247 17.29 -9.59 -11.12
CA ILE A 247 18.31 -10.42 -10.49
C ILE A 247 19.44 -9.56 -9.91
N GLN A 248 19.80 -8.48 -10.59
CA GLN A 248 20.84 -7.61 -10.07
C GLN A 248 20.37 -6.87 -8.81
N ILE A 249 19.07 -6.54 -8.74
CA ILE A 249 18.53 -5.91 -7.53
C ILE A 249 18.63 -6.87 -6.35
N TYR A 250 18.26 -8.14 -6.57
CA TYR A 250 18.29 -9.12 -5.48
C TYR A 250 19.70 -9.34 -4.94
N GLU A 251 20.70 -9.32 -5.84
CA GLU A 251 22.08 -9.51 -5.38
C GLU A 251 22.50 -8.38 -4.45
N LYS A 252 22.06 -7.14 -4.75
CA LYS A 252 22.37 -6.01 -3.88
C LYS A 252 21.65 -6.11 -2.55
N ILE A 253 20.38 -6.54 -2.56
CA ILE A 253 19.59 -6.63 -1.32
C ILE A 253 20.23 -7.62 -0.35
N VAL A 254 20.61 -8.79 -0.84
CA VAL A 254 21.13 -9.83 0.06
C VAL A 254 22.58 -9.60 0.45
N SER A 255 23.28 -8.67 -0.21
CA SER A 255 24.71 -8.49 0.04
C SER A 255 25.00 -8.03 1.46
N GLY A 256 24.09 -7.28 2.06
CA GLY A 256 24.34 -6.70 3.36
C GLY A 256 24.90 -5.29 3.35
N LYS A 257 24.97 -4.64 2.19
CA LYS A 257 25.59 -3.33 2.06
C LYS A 257 24.56 -2.30 1.57
N VAL A 258 24.58 -1.12 2.18
CA VAL A 258 23.74 0.01 1.76
C VAL A 258 24.57 1.29 1.87
N ARG A 259 24.41 2.19 0.90
CA ARG A 259 25.08 3.48 0.90
C ARG A 259 24.04 4.61 0.88
N PHE A 260 24.38 5.71 1.54
CA PHE A 260 23.45 6.83 1.76
C PHE A 260 23.93 8.10 1.08
N PRO A 261 23.01 8.91 0.54
CA PRO A 261 23.41 10.21 0.00
C PRO A 261 24.09 11.06 1.06
N SER A 262 24.96 11.96 0.63
CA SER A 262 25.71 12.75 1.60
C SER A 262 24.82 13.74 2.35
N HIS A 263 23.61 14.01 1.86
CA HIS A 263 22.72 14.95 2.52
C HIS A 263 21.80 14.31 3.56
N PHE A 264 21.83 12.98 3.70
CA PHE A 264 21.04 12.34 4.76
C PHE A 264 21.57 12.76 6.12
N SER A 265 20.67 13.17 7.01
CA SER A 265 21.04 13.47 8.39
C SER A 265 21.60 12.21 9.08
N SER A 266 22.30 12.44 10.20
CA SER A 266 22.84 11.34 10.97
C SER A 266 21.74 10.47 11.56
N ASP A 267 20.66 11.10 12.07
CA ASP A 267 19.55 10.32 12.60
C ASP A 267 18.88 9.48 11.51
N LEU A 268 18.72 10.04 10.31
CA LEU A 268 18.06 9.29 9.24
C LEU A 268 18.87 8.05 8.86
N LYS A 269 20.19 8.20 8.72
CA LYS A 269 21.03 7.05 8.42
C LYS A 269 20.93 5.99 9.51
N ASP A 270 20.87 6.41 10.77
CA ASP A 270 20.80 5.45 11.85
C ASP A 270 19.49 4.69 11.84
N LEU A 271 18.37 5.38 11.59
CA LEU A 271 17.09 4.68 11.48
C LEU A 271 17.10 3.67 10.35
N LEU A 272 17.63 4.07 9.18
CA LEU A 272 17.63 3.20 8.01
C LEU A 272 18.57 2.01 8.18
N ARG A 273 19.68 2.18 8.90
CA ARG A 273 20.53 1.01 9.19
C ARG A 273 19.79 -0.01 10.05
N ASN A 274 18.88 0.44 10.90
CA ASN A 274 18.14 -0.49 11.75
C ASN A 274 16.91 -1.06 11.05
N LEU A 275 16.33 -0.34 10.08
CA LEU A 275 15.23 -0.93 9.32
C LEU A 275 15.74 -1.83 8.19
N LEU A 276 16.77 -1.40 7.48
CA LEU A 276 17.36 -2.19 6.40
C LEU A 276 18.41 -3.14 6.96
N GLN A 277 18.00 -3.93 7.95
CA GLN A 277 18.86 -4.84 8.68
C GLN A 277 18.57 -6.26 8.21
N VAL A 278 19.57 -6.93 7.65
CA VAL A 278 19.37 -8.29 7.18
C VAL A 278 19.18 -9.26 8.35
N ASP A 279 19.86 -9.01 9.47
CA ASP A 279 19.76 -9.85 10.66
C ASP A 279 18.42 -9.59 11.35
N LEU A 280 17.51 -10.57 11.30
CA LEU A 280 16.18 -10.38 11.87
C LEU A 280 16.20 -10.20 13.38
N THR A 281 17.23 -10.68 14.08
CA THR A 281 17.31 -10.44 15.51
C THR A 281 17.69 -9.00 15.84
N LYS A 282 17.94 -8.18 14.83
CA LYS A 282 18.36 -6.81 15.05
C LYS A 282 17.50 -5.78 14.34
N ARG A 283 16.53 -6.22 13.53
CA ARG A 283 15.77 -5.28 12.70
C ARG A 283 14.70 -4.58 13.52
N PHE A 284 14.70 -3.25 13.49
CA PHE A 284 13.68 -2.47 14.16
C PHE A 284 12.28 -2.87 13.67
N GLY A 285 11.33 -2.89 14.61
CA GLY A 285 10.02 -3.43 14.36
C GLY A 285 9.86 -4.87 14.75
N ASN A 286 10.96 -5.60 14.91
CA ASN A 286 10.95 -7.04 15.17
C ASN A 286 11.61 -7.38 16.51
N LEU A 287 11.96 -6.38 17.32
CA LEU A 287 12.62 -6.61 18.60
C LEU A 287 11.58 -6.64 19.72
N LYS A 288 12.05 -6.73 20.97
CA LYS A 288 11.13 -6.86 22.11
C LYS A 288 10.18 -5.67 22.21
N ASN A 289 10.69 -4.46 21.91
CA ASN A 289 9.89 -3.24 21.97
C ASN A 289 8.98 -3.05 20.77
N GLY A 290 9.01 -3.95 19.79
CA GLY A 290 8.09 -3.86 18.67
C GLY A 290 8.20 -2.54 17.94
N VAL A 291 7.05 -1.95 17.62
CA VAL A 291 7.03 -0.69 16.86
C VAL A 291 7.64 0.46 17.66
N ASN A 292 7.75 0.34 18.98
CA ASN A 292 8.21 1.48 19.75
C ASN A 292 9.69 1.78 19.58
N ASP A 293 10.50 0.81 19.13
CA ASP A 293 11.86 1.14 18.72
C ASP A 293 11.86 2.14 17.59
N ILE A 294 10.84 2.07 16.72
CA ILE A 294 10.72 3.02 15.61
C ILE A 294 10.14 4.34 16.09
N LYS A 295 9.02 4.28 16.82
CA LYS A 295 8.32 5.51 17.19
C LYS A 295 9.16 6.39 18.10
N ASN A 296 10.08 5.79 18.86
CA ASN A 296 10.92 6.54 19.79
C ASN A 296 12.33 6.83 19.25
N HIS A 297 12.61 6.49 17.99
CA HIS A 297 13.90 6.84 17.39
C HIS A 297 14.04 8.36 17.27
N LYS A 298 15.29 8.83 17.35
CA LYS A 298 15.55 10.27 17.35
C LYS A 298 15.05 10.96 16.08
N TRP A 299 15.03 10.25 14.95
CA TRP A 299 14.54 10.87 13.71
C TRP A 299 13.06 11.25 13.81
N PHE A 300 12.29 10.57 14.66
CA PHE A 300 10.88 10.86 14.87
C PHE A 300 10.61 11.74 16.08
N ALA A 301 11.64 12.38 16.65
CA ALA A 301 11.46 13.13 17.89
C ALA A 301 10.42 14.24 17.75
N THR A 302 10.31 14.86 16.58
CA THR A 302 9.36 15.94 16.40
C THR A 302 7.95 15.45 16.08
N THR A 303 7.75 14.14 15.88
CA THR A 303 6.46 13.61 15.46
C THR A 303 5.52 13.43 16.64
N ASP A 304 4.36 14.08 16.57
CA ASP A 304 3.28 13.91 17.53
C ASP A 304 2.34 12.86 16.96
N TRP A 305 2.47 11.62 17.46
CA TRP A 305 1.79 10.50 16.81
C TRP A 305 0.27 10.64 16.87
N ILE A 306 -0.26 11.18 17.97
CA ILE A 306 -1.70 11.33 18.07
C ILE A 306 -2.20 12.38 17.09
N ALA A 307 -1.46 13.48 16.94
CA ALA A 307 -1.85 14.53 16.01
C ALA A 307 -1.82 14.04 14.57
N ILE A 308 -0.87 13.16 14.24
CA ILE A 308 -0.86 12.57 12.90
C ILE A 308 -2.13 11.76 12.68
N TYR A 309 -2.46 10.88 13.63
CA TYR A 309 -3.66 10.05 13.54
C TYR A 309 -4.91 10.90 13.37
N GLN A 310 -4.99 12.03 14.07
CA GLN A 310 -6.16 12.90 14.00
C GLN A 310 -6.13 13.85 12.82
N ARG A 311 -5.08 13.82 12.01
CA ARG A 311 -4.95 14.65 10.80
C ARG A 311 -4.96 16.15 11.15
N LYS A 312 -4.36 16.48 12.29
CA LYS A 312 -4.25 17.87 12.73
C LYS A 312 -2.91 18.50 12.40
N VAL A 313 -1.97 17.74 11.84
CA VAL A 313 -0.68 18.27 11.43
C VAL A 313 -0.80 18.88 10.04
N GLU A 314 -0.16 20.03 9.84
CA GLU A 314 -0.17 20.68 8.53
C GLU A 314 0.59 19.82 7.52
N ALA A 315 -0.06 19.55 6.38
CA ALA A 315 0.55 18.71 5.37
C ALA A 315 1.60 19.46 4.56
N PRO A 316 2.59 18.75 4.02
CA PRO A 316 3.60 19.39 3.16
C PRO A 316 3.04 20.06 1.93
N PHE A 317 2.02 19.46 1.31
CA PHE A 317 1.33 20.13 0.22
C PHE A 317 -0.08 19.58 0.08
N ILE A 318 -0.95 20.41 -0.48
CA ILE A 318 -2.32 20.06 -0.79
C ILE A 318 -2.40 19.88 -2.31
N PRO A 319 -2.86 18.74 -2.81
CA PRO A 319 -2.95 18.56 -4.27
C PRO A 319 -3.86 19.60 -4.91
N LYS A 320 -3.52 19.96 -6.14
CA LYS A 320 -4.37 20.83 -6.92
C LYS A 320 -5.70 20.13 -7.21
N PHE A 321 -6.78 20.90 -7.18
CA PHE A 321 -8.12 20.36 -7.42
C PHE A 321 -8.88 21.32 -8.32
N LYS A 322 -9.15 20.90 -9.56
CA LYS A 322 -9.93 21.73 -10.47
C LYS A 322 -11.43 21.62 -10.19
N GLY A 323 -11.88 20.47 -9.68
CA GLY A 323 -13.26 20.29 -9.33
C GLY A 323 -13.56 18.83 -9.07
N PRO A 324 -14.83 18.49 -8.83
CA PRO A 324 -15.20 17.08 -8.65
C PRO A 324 -14.99 16.30 -9.95
N GLY A 325 -14.50 15.07 -9.80
CA GLY A 325 -14.29 14.19 -10.92
C GLY A 325 -13.10 14.52 -11.80
N ASP A 326 -12.26 15.46 -11.41
N ASP A 326 -12.25 15.45 -11.39
CA ASP A 326 -11.11 15.78 -12.23
CA ASP A 326 -11.07 15.81 -12.16
C ASP A 326 -9.98 14.80 -11.96
C ASP A 326 -9.95 14.81 -11.94
N THR A 327 -9.18 14.52 -12.99
CA THR A 327 -8.09 13.54 -12.91
C THR A 327 -6.72 14.14 -13.23
N SER A 328 -6.55 15.46 -13.10
CA SER A 328 -5.30 16.10 -13.53
C SER A 328 -4.06 15.59 -12.80
N ASN A 329 -4.23 14.96 -11.63
CA ASN A 329 -3.10 14.43 -10.88
C ASN A 329 -2.75 12.99 -11.27
N PHE A 330 -3.39 12.46 -12.32
CA PHE A 330 -3.14 11.10 -12.77
C PHE A 330 -2.66 11.09 -14.22
N ASP A 331 -1.81 10.12 -14.55
CA ASP A 331 -1.44 9.88 -15.95
C ASP A 331 -2.63 9.38 -16.75
N ASP A 332 -2.53 9.51 -18.08
CA ASP A 332 -3.51 8.98 -19.01
C ASP A 332 -3.13 7.56 -19.44
N TYR A 333 -4.14 6.70 -19.54
CA TYR A 333 -3.98 5.31 -19.94
C TYR A 333 -4.91 5.02 -21.11
N GLU A 334 -4.50 4.06 -21.94
CA GLU A 334 -5.38 3.61 -23.02
C GLU A 334 -6.64 2.99 -22.44
N GLU A 335 -7.79 3.39 -22.98
CA GLU A 335 -9.07 2.92 -22.48
C GLU A 335 -9.47 1.64 -23.21
N GLU A 336 -9.92 0.65 -22.45
CA GLU A 336 -10.35 -0.63 -22.99
C GLU A 336 -11.75 -0.94 -22.50
N GLU A 337 -12.50 -1.65 -23.34
CA GLU A 337 -13.89 -2.00 -23.02
C GLU A 337 -13.96 -2.82 -21.74
N ILE A 338 -15.15 -2.81 -21.14
CA ILE A 338 -15.48 -3.72 -20.05
C ILE A 338 -16.46 -4.72 -20.64
N ARG A 339 -15.95 -5.89 -21.00
CA ARG A 339 -16.75 -6.90 -21.66
C ARG A 339 -17.30 -7.88 -20.62
N VAL A 340 -18.60 -8.15 -20.69
CA VAL A 340 -19.18 -9.14 -19.81
C VAL A 340 -19.73 -10.30 -20.65
N SEP A 341 -19.11 -11.46 -20.50
CA SEP A 341 -19.50 -12.64 -21.27
CB SEP A 341 -18.49 -13.76 -21.05
OG SEP A 341 -18.97 -14.99 -21.57
C SEP A 341 -20.92 -13.08 -20.93
O SEP A 341 -21.45 -12.75 -19.86
P SEP A 341 -18.45 -15.28 -23.06
O1P SEP A 341 -18.49 -16.87 -23.27
O2P SEP A 341 -19.47 -14.56 -24.08
O3P SEP A 341 -16.95 -14.73 -23.27
N ILE A 342 -21.55 -13.83 -21.83
CA ILE A 342 -22.91 -14.33 -21.59
C ILE A 342 -22.85 -15.61 -20.78
N ASN A 343 -21.65 -16.12 -20.52
CA ASN A 343 -21.46 -17.34 -19.74
C ASN A 343 -20.65 -17.04 -18.49
N GLU A 344 -21.05 -17.63 -17.36
CA GLU A 344 -20.32 -17.42 -16.11
C GLU A 344 -18.95 -18.08 -16.17
N LYS A 345 -17.92 -17.35 -15.78
CA LYS A 345 -16.54 -17.83 -15.74
C LYS A 345 -16.10 -18.03 -14.30
N CYS A 346 -15.51 -19.19 -14.01
CA CYS A 346 -14.78 -19.40 -12.75
C CYS A 346 -15.68 -19.22 -11.53
N GLY A 347 -16.93 -19.69 -11.61
CA GLY A 347 -17.88 -19.40 -10.55
C GLY A 347 -17.50 -20.04 -9.23
N LYS A 348 -17.18 -21.34 -9.25
CA LYS A 348 -16.81 -22.02 -8.01
C LYS A 348 -15.59 -21.38 -7.35
N GLU A 349 -14.60 -20.97 -8.15
CA GLU A 349 -13.35 -20.43 -7.59
C GLU A 349 -13.59 -19.17 -6.76
N PHE A 350 -14.55 -18.34 -7.18
CA PHE A 350 -14.78 -17.04 -6.58
C PHE A 350 -16.13 -16.96 -5.86
N THR A 351 -16.69 -18.10 -5.47
CA THR A 351 -18.03 -18.13 -4.88
C THR A 351 -18.13 -17.23 -3.63
N GLU A 352 -17.05 -17.07 -2.86
CA GLU A 352 -17.18 -16.27 -1.64
C GLU A 352 -17.02 -14.77 -1.87
N PHE A 353 -16.60 -14.34 -3.06
CA PHE A 353 -16.35 -12.92 -3.32
C PHE A 353 -17.67 -12.15 -3.29
N THR B 1 26.89 10.63 -10.89
CA THR B 1 26.18 10.68 -9.62
C THR B 1 25.19 9.53 -9.56
N THR B 2 24.84 9.10 -8.35
CA THR B 2 23.88 8.00 -8.22
C THR B 2 22.52 8.39 -8.77
N TYR B 3 22.12 9.66 -8.56
CA TYR B 3 20.88 10.16 -9.15
C TYR B 3 20.90 10.05 -10.68
N ALA B 4 21.99 10.50 -11.31
CA ALA B 4 22.07 10.42 -12.77
C ALA B 4 21.98 8.97 -13.24
N ASP B 5 22.61 8.05 -12.50
CA ASP B 5 22.52 6.63 -12.83
C ASP B 5 21.09 6.11 -12.71
N PHE B 6 20.37 6.53 -11.67
CA PHE B 6 18.97 6.11 -11.55
C PHE B 6 18.13 6.62 -12.72
N ILE B 7 18.24 7.92 -13.04
CA ILE B 7 17.39 8.53 -14.05
C ILE B 7 17.61 7.93 -15.43
N ALA B 8 18.82 7.43 -15.70
CA ALA B 8 19.14 6.80 -16.97
C ALA B 8 18.83 5.31 -16.97
N SER B 9 18.35 4.77 -15.85
CA SER B 9 18.08 3.35 -15.75
C SER B 9 16.71 3.01 -16.31
N GLY B 10 16.45 1.71 -16.48
CA GLY B 10 15.18 1.25 -16.98
C GLY B 10 14.07 1.11 -15.96
N ARG B 11 14.28 1.52 -14.71
CA ARG B 11 13.28 1.28 -13.67
C ARG B 11 12.89 2.56 -12.93
N THR B 12 12.69 3.66 -13.66
CA THR B 12 12.17 4.90 -13.09
C THR B 12 10.65 5.04 -13.27
N GLY B 13 10.02 4.17 -14.06
CA GLY B 13 8.59 4.17 -14.21
C GLY B 13 7.92 3.29 -13.16
N ARG B 14 6.60 3.16 -13.28
CA ARG B 14 5.87 2.33 -12.31
C ARG B 14 6.37 0.90 -12.35
N ARG B 15 6.53 0.32 -11.16
CA ARG B 15 7.11 -1.01 -11.01
C ARG B 15 6.00 -2.01 -10.73
N ASN B 16 5.92 -3.04 -11.57
CA ASN B 16 4.92 -4.09 -11.37
C ASN B 16 5.34 -5.02 -10.24
N ALA B 17 4.33 -5.58 -9.56
CA ALA B 17 4.58 -6.64 -8.61
C ALA B 17 5.06 -7.91 -9.32
N ILE B 18 5.72 -8.78 -8.56
CA ILE B 18 6.09 -10.10 -9.07
C ILE B 18 4.97 -11.10 -8.73
N9 ADE C . -9.03 4.60 -4.51
C8 ADE C . -8.57 3.32 -4.56
N7 ADE C . -7.63 3.14 -5.47
C5 ADE C . -7.47 4.40 -6.04
C6 ADE C . -6.66 4.87 -7.08
N6 ADE C . -5.77 4.12 -7.73
N1 ADE C . -6.79 6.18 -7.44
C2 ADE C . -7.67 6.93 -6.78
N3 ADE C . -8.49 6.59 -5.79
C4 ADE C . -8.34 5.30 -5.45
C1 MRD D . -2.43 6.74 16.97
C2 MRD D . -3.21 5.67 17.72
O2 MRD D . -2.44 5.31 18.87
CM MRD D . -4.54 6.22 18.22
C3 MRD D . -3.45 4.44 16.78
C4 MRD D . -2.44 3.29 16.92
O4 MRD D . -1.19 3.73 17.46
C5 MRD D . -2.19 2.62 15.58
C1 MPD E . 0.66 16.54 -10.66
C2 MPD E . 1.67 15.58 -11.29
O2 MPD E . 2.31 16.27 -12.39
CM MPD E . 2.77 15.18 -10.30
C3 MPD E . 0.94 14.33 -11.76
C4 MPD E . 1.00 14.03 -13.26
O4 MPD E . 2.32 14.15 -13.76
C5 MPD E . 0.55 12.59 -13.49
C1 MRD F . 19.58 17.53 -6.61
C2 MRD F . 19.36 16.54 -7.75
O2 MRD F . 19.20 17.33 -8.95
CM MRD F . 20.57 15.65 -7.94
C3 MRD F . 18.05 15.73 -7.54
C4 MRD F . 17.75 15.23 -6.12
O4 MRD F . 18.91 14.76 -5.42
C5 MRD F . 16.73 14.12 -6.20
#